data_3NPD
#
_entry.id   3NPD
#
_cell.length_a   34.989
_cell.length_b   51.317
_cell.length_c   56.898
_cell.angle_alpha   90.000
_cell.angle_beta   90.000
_cell.angle_gamma   90.000
#
_symmetry.space_group_name_H-M   'P 21 21 21'
#
loop_
_entity.id
_entity.type
_entity.pdbx_description
1 polymer 'putative secreted protein'
2 non-polymer 'SULFATE ION'
3 non-polymer '3-CYCLOHEXYL-1-PROPYLSULFONIC ACID'
4 non-polymer 1,2-ETHANEDIOL
5 water water
#
_entity_poly.entity_id   1
_entity_poly.type   'polypeptide(L)'
_entity_poly.pdbx_seq_one_letter_code
;GASLKDFELSK(MSE)LEKVAKESSVGTPRAINEDILDQGYTVEGNQLINHLSVRASHAER(MSE)RSNPDSVRSQLGDS
VCSNTGYRQLLARGAILTYSFTEYKTNQPVATERFDAGSCRIQGKK
;
_entity_poly.pdbx_strand_id   A
#
# COMPACT_ATOMS: atom_id res chain seq x y z
N GLY A 1 8.40 -15.43 17.73
CA GLY A 1 8.76 -14.14 17.12
C GLY A 1 9.40 -14.29 15.75
N ALA A 2 9.52 -13.17 15.05
CA ALA A 2 10.19 -13.17 13.77
C ALA A 2 11.64 -13.50 13.89
N SER A 3 12.17 -14.16 12.88
CA SER A 3 13.59 -14.48 12.86
C SER A 3 14.42 -13.20 12.82
N LEU A 4 15.69 -13.34 13.14
CA LEU A 4 16.62 -12.19 13.09
C LEU A 4 16.54 -11.48 11.72
N LYS A 5 16.63 -12.25 10.64
CA LYS A 5 16.56 -11.68 9.28
C LYS A 5 15.21 -11.05 8.96
N ASP A 6 14.12 -11.69 9.42
CA ASP A 6 12.77 -11.16 9.19
C ASP A 6 12.55 -9.87 9.95
N PHE A 7 12.95 -9.84 11.23
CA PHE A 7 12.79 -8.63 12.04
C PHE A 7 13.63 -7.45 11.43
N GLU A 8 14.83 -7.76 11.00
CA GLU A 8 15.69 -6.77 10.34
C GLU A 8 15.02 -6.19 9.11
N LEU A 9 14.45 -7.05 8.26
CA LEU A 9 13.70 -6.57 7.08
C LEU A 9 12.59 -5.59 7.51
N SER A 10 11.86 -5.93 8.57
CA SER A 10 10.79 -5.05 9.08
C SER A 10 11.35 -3.68 9.47
N LYS A 11 12.51 -3.67 10.13
CA LYS A 11 13.20 -2.41 10.49
C LYS A 11 13.62 -1.58 9.28
N LEU A 13 12.06 -1.75 6.33
CA LEU A 13 10.76 -1.27 5.86
C LEU A 13 10.24 -0.07 6.69
N GLU A 14 10.44 -0.10 8.01
CA GLU A 14 10.07 1.01 8.89
C GLU A 14 10.80 2.31 8.51
N LYS A 15 12.06 2.21 8.10
CA LYS A 15 12.80 3.40 7.65
C LYS A 15 12.09 3.98 6.43
N VAL A 16 11.77 3.11 5.44
CA VAL A 16 11.01 3.54 4.25
C VAL A 16 9.64 4.13 4.64
N ALA A 17 8.92 3.45 5.51
CA ALA A 17 7.63 3.96 6.00
C ALA A 17 7.70 5.36 6.63
N LYS A 18 8.71 5.60 7.46
CA LYS A 18 8.91 6.90 8.08
C LYS A 18 9.18 8.01 7.05
N GLU A 19 10.12 7.78 6.12
CA GLU A 19 10.44 8.81 5.12
CA GLU A 19 10.45 8.80 5.10
C GLU A 19 9.24 9.06 4.19
N SER A 20 8.55 7.99 3.79
CA SER A 20 7.43 8.08 2.89
C SER A 20 6.18 8.71 3.54
N SER A 21 6.09 8.69 4.86
CA SER A 21 4.95 9.30 5.59
C SER A 21 5.08 10.82 5.82
N VAL A 22 6.27 11.39 5.60
CA VAL A 22 6.49 12.81 5.78
C VAL A 22 5.55 13.54 4.86
N GLY A 23 4.80 14.50 5.41
CA GLY A 23 3.84 15.25 4.63
C GLY A 23 2.46 14.65 4.51
N THR A 24 2.25 13.45 5.05
CA THR A 24 0.91 12.83 5.10
C THR A 24 0.25 13.16 6.44
N PRO A 25 -1.08 13.18 6.47
CA PRO A 25 -1.97 12.95 5.34
C PRO A 25 -1.97 14.04 4.29
N ARG A 26 -2.13 13.62 3.04
CA ARG A 26 -2.27 14.58 1.94
C ARG A 26 -3.20 14.03 0.88
N ALA A 27 -3.85 14.93 0.14
CA ALA A 27 -4.78 14.53 -0.89
C ALA A 27 -4.02 14.08 -2.13
N ILE A 28 -4.38 12.87 -2.60
CA ILE A 28 -3.96 12.36 -3.91
C ILE A 28 -4.83 13.03 -4.96
N ASN A 29 -6.12 13.06 -4.68
CA ASN A 29 -7.13 13.78 -5.46
C ASN A 29 -8.29 14.17 -4.52
N GLU A 30 -9.38 14.66 -5.07
CA GLU A 30 -10.58 15.05 -4.33
C GLU A 30 -11.18 13.92 -3.48
N ASP A 31 -10.99 12.68 -3.89
CA ASP A 31 -11.58 11.50 -3.24
C ASP A 31 -10.64 10.69 -2.36
N ILE A 32 -9.34 10.79 -2.57
CA ILE A 32 -8.38 9.90 -1.90
C ILE A 32 -7.37 10.69 -1.08
N LEU A 33 -7.24 10.34 0.20
CA LEU A 33 -6.17 10.84 1.08
C LEU A 33 -5.11 9.76 1.25
N ASP A 34 -3.88 10.13 0.97
CA ASP A 34 -2.73 9.31 1.32
C ASP A 34 -2.47 9.52 2.83
N GLN A 35 -2.66 8.49 3.63
CA GLN A 35 -2.52 8.57 5.10
C GLN A 35 -1.18 8.07 5.59
N GLY A 36 -0.26 7.79 4.66
CA GLY A 36 1.10 7.38 5.02
C GLY A 36 1.22 5.88 5.14
N TYR A 37 2.28 5.47 5.83
CA TYR A 37 2.73 4.09 5.84
C TYR A 37 3.02 3.54 7.20
N THR A 38 2.74 2.25 7.37
CA THR A 38 3.12 1.47 8.55
C THR A 38 3.72 0.15 8.06
N VAL A 39 4.28 -0.62 8.99
CA VAL A 39 4.88 -1.91 8.67
C VAL A 39 4.30 -2.98 9.61
N GLU A 40 3.91 -4.09 9.01
CA GLU A 40 3.47 -5.29 9.77
C GLU A 40 4.24 -6.45 9.18
N GLY A 41 5.24 -6.93 9.91
CA GLY A 41 6.07 -8.02 9.43
C GLY A 41 6.85 -7.61 8.18
N ASN A 42 6.63 -8.37 7.10
CA ASN A 42 7.26 -8.11 5.81
C ASN A 42 6.43 -7.19 4.88
N GLN A 43 5.33 -6.62 5.38
CA GLN A 43 4.45 -5.77 4.60
C GLN A 43 4.70 -4.31 4.92
N LEU A 44 4.99 -3.54 3.87
CA LEU A 44 4.96 -2.07 3.90
C LEU A 44 3.56 -1.69 3.44
N ILE A 45 2.81 -1.05 4.31
CA ILE A 45 1.39 -0.79 4.07
C ILE A 45 1.20 0.70 3.88
N ASN A 46 0.60 1.09 2.75
CA ASN A 46 0.20 2.45 2.49
C ASN A 46 -1.28 2.45 2.81
N HIS A 47 -1.66 3.29 3.75
CA HIS A 47 -3.05 3.44 4.13
C HIS A 47 -3.60 4.63 3.38
N LEU A 48 -4.77 4.47 2.75
CA LEU A 48 -5.45 5.54 2.07
C LEU A 48 -6.94 5.52 2.44
N SER A 49 -7.54 6.71 2.54
CA SER A 49 -9.01 6.82 2.75
C SER A 49 -9.61 7.24 1.41
N VAL A 50 -10.84 6.81 1.19
CA VAL A 50 -11.55 7.02 -0.09
C VAL A 50 -12.94 7.48 0.25
N ARG A 51 -13.39 8.54 -0.40
CA ARG A 51 -14.77 8.98 -0.26
C ARG A 51 -15.75 7.97 -0.86
N ALA A 52 -16.97 8.04 -0.35
CA ALA A 52 -18.02 7.03 -0.56
C ALA A 52 -18.27 6.71 -2.01
N SER A 53 -18.40 7.73 -2.85
CA SER A 53 -18.72 7.49 -4.28
CA SER A 53 -18.67 7.57 -4.30
C SER A 53 -17.60 6.78 -5.01
N HIS A 54 -16.36 7.22 -4.80
CA HIS A 54 -15.22 6.56 -5.40
C HIS A 54 -15.01 5.16 -4.80
N ALA A 55 -15.28 4.99 -3.51
CA ALA A 55 -15.19 3.67 -2.88
C ALA A 55 -16.10 2.65 -3.62
N GLU A 56 -17.29 3.11 -4.01
CA GLU A 56 -18.22 2.26 -4.78
C GLU A 56 -17.66 1.90 -6.15
N ARG A 57 -17.05 2.88 -6.83
CA ARG A 57 -16.41 2.60 -8.12
C ARG A 57 -15.29 1.58 -7.96
N ARG A 59 -15.06 -0.76 -5.57
CA ARG A 59 -15.67 -2.05 -5.25
C ARG A 59 -16.31 -2.74 -6.46
N SER A 60 -16.78 -1.92 -7.42
CA SER A 60 -17.42 -2.44 -8.65
C SER A 60 -16.43 -3.10 -9.60
N ASN A 61 -15.14 -2.78 -9.46
CA ASN A 61 -14.12 -3.37 -10.37
C ASN A 61 -12.78 -3.56 -9.65
N PRO A 62 -12.75 -4.53 -8.73
CA PRO A 62 -11.55 -4.71 -7.94
C PRO A 62 -10.36 -5.23 -8.77
N ASP A 63 -10.64 -5.97 -9.84
CA ASP A 63 -9.53 -6.47 -10.68
C ASP A 63 -8.84 -5.31 -11.40
N SER A 64 -9.61 -4.33 -11.89
CA SER A 64 -9.04 -3.15 -12.55
C SER A 64 -8.26 -2.30 -11.56
N VAL A 65 -8.80 -2.09 -10.36
CA VAL A 65 -8.05 -1.43 -9.29
C VAL A 65 -6.69 -2.14 -9.03
N ARG A 66 -6.71 -3.47 -8.87
CA ARG A 66 -5.52 -4.22 -8.57
C ARG A 66 -4.51 -4.09 -9.70
N SER A 67 -5.02 -4.18 -10.91
CA SER A 67 -4.15 -4.14 -12.09
C SER A 67 -3.44 -2.78 -12.19
N GLN A 68 -4.17 -1.71 -11.94
CA GLN A 68 -3.59 -0.35 -11.97
C GLN A 68 -2.58 -0.14 -10.85
N LEU A 69 -2.94 -0.58 -9.65
CA LEU A 69 -1.99 -0.58 -8.51
C LEU A 69 -0.73 -1.37 -8.82
N GLY A 70 -0.90 -2.56 -9.36
CA GLY A 70 0.23 -3.45 -9.76
C GLY A 70 1.16 -2.80 -10.76
N ASP A 71 0.57 -2.18 -11.79
CA ASP A 71 1.34 -1.47 -12.84
C ASP A 71 2.25 -0.43 -12.19
N SER A 72 1.67 0.33 -11.25
CA SER A 72 2.38 1.39 -10.52
C SER A 72 3.50 0.82 -9.62
N VAL A 73 3.15 -0.16 -8.77
CA VAL A 73 4.10 -0.79 -7.85
C VAL A 73 5.24 -1.46 -8.58
N CYS A 74 4.89 -2.26 -9.58
CA CYS A 74 5.87 -3.12 -10.23
C CYS A 74 6.89 -2.39 -11.09
N SER A 75 6.59 -1.14 -11.43
CA SER A 75 7.51 -0.25 -12.17
CA SER A 75 7.51 -0.27 -12.17
C SER A 75 8.14 0.82 -11.28
N ASN A 76 7.90 0.76 -9.96
CA ASN A 76 8.47 1.73 -9.01
C ASN A 76 9.83 1.18 -8.62
N THR A 77 10.89 1.91 -8.94
CA THR A 77 12.25 1.40 -8.73
C THR A 77 12.52 1.07 -7.28
N GLY A 78 12.13 1.98 -6.38
CA GLY A 78 12.32 1.77 -4.95
C GLY A 78 11.50 0.63 -4.39
N TYR A 79 10.24 0.50 -4.84
CA TYR A 79 9.42 -0.63 -4.39
C TYR A 79 9.98 -1.95 -4.89
N ARG A 80 10.47 -1.97 -6.13
CA ARG A 80 11.06 -3.18 -6.71
C ARG A 80 12.24 -3.67 -5.84
N GLN A 81 13.03 -2.73 -5.30
CA GLN A 81 14.14 -3.08 -4.41
C GLN A 81 13.64 -3.77 -3.14
N LEU A 82 12.50 -3.31 -2.62
CA LEU A 82 11.93 -3.93 -1.44
C LEU A 82 11.39 -5.34 -1.74
N LEU A 83 10.66 -5.46 -2.83
CA LEU A 83 10.11 -6.74 -3.26
CA LEU A 83 10.11 -6.74 -3.30
C LEU A 83 11.27 -7.72 -3.54
N ALA A 84 12.38 -7.21 -4.07
CA ALA A 84 13.58 -8.02 -4.33
C ALA A 84 14.29 -8.54 -3.06
N ARG A 85 13.88 -8.03 -1.90
CA ARG A 85 14.40 -8.43 -0.60
C ARG A 85 13.39 -9.21 0.25
N GLY A 86 12.22 -9.54 -0.35
CA GLY A 86 11.24 -10.39 0.30
C GLY A 86 10.08 -9.61 0.88
N ALA A 87 9.99 -8.32 0.58
CA ALA A 87 8.87 -7.49 1.14
C ALA A 87 7.58 -7.68 0.32
N ILE A 88 6.48 -7.28 0.96
CA ILE A 88 5.18 -7.19 0.32
C ILE A 88 4.77 -5.73 0.42
N LEU A 89 4.31 -5.18 -0.70
CA LEU A 89 3.68 -3.86 -0.74
C LEU A 89 2.19 -4.08 -0.60
N THR A 90 1.58 -3.44 0.39
CA THR A 90 0.16 -3.56 0.67
C THR A 90 -0.52 -2.20 0.59
N TYR A 91 -1.62 -2.11 -0.15
CA TYR A 91 -2.47 -0.93 -0.20
C TYR A 91 -3.71 -1.24 0.58
N SER A 92 -3.98 -0.46 1.61
CA SER A 92 -5.18 -0.60 2.44
C SER A 92 -6.02 0.65 2.28
N PHE A 93 -7.12 0.49 1.56
CA PHE A 93 -8.10 1.59 1.37
C PHE A 93 -9.27 1.38 2.28
N THR A 94 -9.66 2.43 2.99
CA THR A 94 -10.84 2.43 3.86
C THR A 94 -11.71 3.65 3.54
N GLU A 95 -12.97 3.61 3.95
CA GLU A 95 -13.86 4.72 3.69
CA GLU A 95 -13.89 4.71 3.74
C GLU A 95 -13.50 5.94 4.56
N TYR A 96 -13.60 7.10 3.95
CA TYR A 96 -13.26 8.35 4.65
C TYR A 96 -14.13 8.55 5.90
N LYS A 97 -15.44 8.44 5.74
CA LYS A 97 -16.35 8.72 6.87
C LYS A 97 -16.41 7.67 7.99
N THR A 98 -16.30 6.40 7.63
CA THR A 98 -16.50 5.27 8.56
C THR A 98 -15.28 4.42 8.84
N ASN A 99 -14.24 4.54 8.01
CA ASN A 99 -13.10 3.63 8.05
C ASN A 99 -13.38 2.13 7.70
N GLN A 100 -14.54 1.82 7.16
CA GLN A 100 -14.85 0.46 6.70
CA GLN A 100 -14.87 0.47 6.68
C GLN A 100 -13.93 0.11 5.51
N PRO A 101 -13.45 -1.18 5.42
CA PRO A 101 -12.58 -1.53 4.28
C PRO A 101 -13.27 -1.34 2.95
N VAL A 102 -12.50 -0.87 1.98
CA VAL A 102 -12.90 -0.70 0.63
C VAL A 102 -12.17 -1.73 -0.21
N ALA A 103 -10.85 -1.71 -0.13
CA ALA A 103 -10.03 -2.66 -0.86
C ALA A 103 -8.71 -2.85 -0.16
N THR A 104 -8.16 -4.05 -0.27
CA THR A 104 -6.84 -4.35 0.27
C THR A 104 -6.09 -5.15 -0.80
N GLU A 105 -4.98 -4.62 -1.27
CA GLU A 105 -4.27 -5.24 -2.40
C GLU A 105 -2.78 -5.39 -2.04
N ARG A 106 -2.31 -6.65 -2.04
CA ARG A 106 -0.93 -6.97 -1.72
C ARG A 106 -0.18 -7.44 -2.96
N PHE A 107 1.10 -7.06 -2.99
CA PHE A 107 1.99 -7.39 -4.09
C PHE A 107 3.32 -7.87 -3.59
N ASP A 108 3.84 -8.97 -4.16
CA ASP A 108 5.21 -9.46 -3.87
C ASP A 108 5.97 -9.55 -5.20
N ALA A 109 7.22 -10.00 -5.14
CA ALA A 109 8.00 -10.20 -6.36
C ALA A 109 7.25 -11.03 -7.41
N GLY A 110 6.60 -12.10 -6.96
CA GLY A 110 5.77 -12.96 -7.79
C GLY A 110 4.68 -12.20 -8.54
N SER A 111 3.98 -11.32 -7.82
CA SER A 111 2.95 -10.46 -8.43
C SER A 111 3.48 -9.67 -9.62
N CYS A 112 4.69 -9.14 -9.47
CA CYS A 112 5.27 -8.29 -10.51
C CYS A 112 5.69 -9.05 -11.77
N ARG A 113 6.07 -10.31 -11.59
CA ARG A 113 6.37 -11.18 -12.73
CA ARG A 113 6.39 -11.16 -12.73
C ARG A 113 5.11 -11.51 -13.49
#